data_8T2C
#
_entry.id   8T2C
#
_cell.length_a   50.608
_cell.length_b   94.515
_cell.length_c   56.078
_cell.angle_alpha   90.00
_cell.angle_beta   108.50
_cell.angle_gamma   90.00
#
_symmetry.space_group_name_H-M   'P 1 21 1'
#
loop_
_entity.id
_entity.type
_entity.pdbx_description
1 polymer 'Cysteine synthase'
2 polymer TYR-MET-PHE-TYR-ILE
3 water water
#
loop_
_entity_poly.entity_id
_entity_poly.type
_entity_poly.pdbx_seq_one_letter_code
_entity_poly.pdbx_strand_id
1 'polypeptide(L)'
;AQKPVDNITQIIGGTPVVKLRNVVDDNAADVYVKLEYQNPGGSV(LLP)DRIALAMIEKAEREGKIKPGDTIVEPTSGNT
GIGLAFVCAAKGYKAVFTMPETMSQERRNLLKAYGAELVLTPGSEAMKGAIKKAKELKEEHGYFEPQQFENPANPEVHEL
TTGPELLQQFEGKTIDAFLAGVGTGGTLSGVGKVLKKEYPNIEIVAIEPEASPVLSGGEPGPHKLQGLGAGFIPGTLNTE
IYDSIIKVGNDTAMEMSRRVAKEEGILAGISSGAAIYAAIQKAKELGKGKTVVTVLPSNGERYLSTPLYS
;
A,B
2 'polypeptide(L)' YMFYI C,D
#
# COMPACT_ATOMS: atom_id res chain seq x y z
N ALA A 1 -9.05 9.15 12.25
CA ALA A 1 -9.35 7.78 11.83
C ALA A 1 -10.80 7.66 11.36
N GLN A 2 -10.98 7.20 10.12
CA GLN A 2 -12.31 7.04 9.56
C GLN A 2 -13.08 5.95 10.30
N LYS A 3 -14.39 6.17 10.45
CA LYS A 3 -15.23 5.19 11.11
C LYS A 3 -15.32 3.91 10.27
N PRO A 4 -15.65 2.78 10.90
CA PRO A 4 -15.62 1.50 10.18
C PRO A 4 -16.57 1.47 8.99
N VAL A 5 -16.12 0.82 7.92
CA VAL A 5 -16.94 0.58 6.75
C VAL A 5 -17.17 -0.92 6.65
N ASP A 6 -18.20 -1.30 5.86
CA ASP A 6 -18.52 -2.70 5.70
C ASP A 6 -17.97 -3.29 4.41
N ASN A 7 -17.34 -2.48 3.56
CA ASN A 7 -16.78 -2.95 2.30
C ASN A 7 -15.47 -2.23 2.03
N ILE A 8 -14.45 -2.98 1.60
CA ILE A 8 -13.13 -2.39 1.36
C ILE A 8 -13.19 -1.31 0.27
N THR A 9 -14.11 -1.43 -0.69
CA THR A 9 -14.21 -0.41 -1.73
C THR A 9 -14.65 0.93 -1.19
N GLN A 10 -15.29 0.96 -0.02
CA GLN A 10 -15.70 2.23 0.59
C GLN A 10 -14.51 3.02 1.11
N ILE A 11 -13.30 2.46 1.01
CA ILE A 11 -12.07 3.16 1.38
C ILE A 11 -11.41 3.83 0.17
N ILE A 12 -11.83 3.48 -1.04
CA ILE A 12 -11.22 4.05 -2.25
C ILE A 12 -11.44 5.56 -2.28
N GLY A 13 -10.39 6.29 -2.62
CA GLY A 13 -10.45 7.74 -2.70
C GLY A 13 -9.95 8.39 -1.42
N GLY A 14 -10.06 9.72 -1.41
CA GLY A 14 -9.60 10.48 -0.25
C GLY A 14 -8.12 10.34 0.02
N THR A 15 -7.32 10.36 -1.04
CA THR A 15 -5.89 10.11 -0.92
C THR A 15 -5.16 11.37 -0.47
N PRO A 16 -4.10 11.22 0.33
CA PRO A 16 -3.42 12.38 0.90
C PRO A 16 -2.52 13.08 -0.11
N VAL A 17 -2.12 14.29 0.25
CA VAL A 17 -1.22 15.12 -0.55
C VAL A 17 -0.03 15.51 0.32
N VAL A 18 1.17 15.33 -0.22
CA VAL A 18 2.41 15.61 0.49
C VAL A 18 3.20 16.66 -0.27
N LYS A 19 3.69 17.67 0.44
CA LYS A 19 4.58 18.65 -0.15
C LYS A 19 5.98 18.06 -0.27
N LEU A 20 6.61 18.25 -1.43
CA LEU A 20 7.99 17.86 -1.60
C LEU A 20 8.91 18.92 -1.00
N ARG A 21 9.92 18.48 -0.25
CA ARG A 21 10.75 19.38 0.53
C ARG A 21 12.23 19.33 0.18
N ASN A 22 12.70 18.32 -0.55
CA ASN A 22 14.12 18.13 -0.79
C ASN A 22 14.49 18.16 -2.27
N VAL A 23 13.79 17.40 -3.10
CA VAL A 23 14.17 17.30 -4.51
C VAL A 23 13.79 18.52 -5.33
N VAL A 24 12.98 19.42 -4.78
CA VAL A 24 12.56 20.64 -5.46
C VAL A 24 13.34 21.81 -4.89
N ASP A 25 13.83 22.67 -5.77
CA ASP A 25 14.59 23.85 -5.35
C ASP A 25 13.71 24.81 -4.56
N ASP A 26 14.34 25.49 -3.61
CA ASP A 26 13.64 26.51 -2.82
C ASP A 26 13.23 27.71 -3.65
N ASN A 27 13.92 27.96 -4.76
CA ASN A 27 13.63 29.07 -5.65
C ASN A 27 12.56 28.73 -6.67
N ALA A 28 11.88 27.60 -6.52
CA ALA A 28 10.83 27.17 -7.43
C ALA A 28 9.48 27.24 -6.73
N ALA A 29 8.43 26.94 -7.49
CA ALA A 29 7.10 26.85 -6.92
C ALA A 29 7.02 25.66 -5.96
N ASP A 30 6.04 25.70 -5.06
CA ASP A 30 5.76 24.55 -4.23
C ASP A 30 5.27 23.39 -5.08
N VAL A 31 5.73 22.20 -4.77
CA VAL A 31 5.32 20.98 -5.48
C VAL A 31 4.59 20.09 -4.49
N TYR A 32 3.32 19.81 -4.78
CA TYR A 32 2.51 18.92 -3.98
C TYR A 32 2.20 17.66 -4.77
N VAL A 33 2.03 16.56 -4.06
CA VAL A 33 2.00 15.24 -4.67
C VAL A 33 0.87 14.43 -4.04
N LYS A 34 -0.04 13.93 -4.86
CA LYS A 34 -1.22 13.21 -4.39
C LYS A 34 -0.95 11.72 -4.48
N LEU A 35 -1.04 11.03 -3.34
CA LEU A 35 -0.62 9.63 -3.21
C LEU A 35 -1.78 8.73 -3.57
N GLU A 36 -1.94 8.49 -4.88
CA GLU A 36 -2.99 7.57 -5.32
C GLU A 36 -2.65 6.12 -5.01
N TYR A 37 -1.39 5.83 -4.69
CA TYR A 37 -1.06 4.47 -4.26
C TYR A 37 -1.54 4.18 -2.85
N GLN A 38 -2.09 5.17 -2.14
CA GLN A 38 -2.73 4.95 -0.84
C GLN A 38 -4.14 4.40 -0.98
N ASN A 39 -4.67 4.30 -2.19
CA ASN A 39 -5.92 3.59 -2.40
C ASN A 39 -5.75 2.13 -1.95
N PRO A 40 -6.80 1.49 -1.44
CA PRO A 40 -6.64 0.16 -0.84
C PRO A 40 -6.08 -0.88 -1.79
N GLY A 41 -6.38 -0.79 -3.08
CA GLY A 41 -5.84 -1.72 -4.06
C GLY A 41 -4.44 -1.41 -4.53
N GLY A 42 -3.90 -0.24 -4.18
CA GLY A 42 -2.52 0.10 -4.45
C GLY A 42 -2.28 1.09 -5.59
N SER A 43 -3.32 1.59 -6.26
CA SER A 43 -3.08 2.49 -7.38
C SER A 43 -4.33 3.31 -7.66
N VAL A 44 -4.15 4.29 -8.54
CA VAL A 44 -5.22 5.18 -9.00
C VAL A 44 -6.35 4.39 -9.66
N ASP A 46 -7.92 1.94 -8.78
CA ASP A 46 -8.99 1.61 -7.83
C ASP A 46 -10.23 2.44 -8.13
N ARG A 47 -10.01 3.73 -8.40
CA ARG A 47 -11.12 4.65 -8.61
C ARG A 47 -11.94 4.25 -9.83
N ILE A 48 -11.28 3.97 -10.96
CA ILE A 48 -12.04 3.71 -12.17
C ILE A 48 -12.57 2.29 -12.20
N ALA A 49 -11.92 1.36 -11.52
CA ALA A 49 -12.48 0.01 -11.40
C ALA A 49 -13.82 0.05 -10.68
N LEU A 50 -13.88 0.70 -9.52
CA LEU A 50 -15.14 0.82 -8.79
C LEU A 50 -16.17 1.62 -9.58
N ALA A 51 -15.74 2.70 -10.22
CA ALA A 51 -16.68 3.56 -10.92
C ALA A 51 -17.31 2.85 -12.11
N MET A 52 -16.49 2.14 -12.90
CA MET A 52 -17.02 1.44 -14.06
C MET A 52 -17.96 0.32 -13.64
N ILE A 53 -17.64 -0.38 -12.54
CA ILE A 53 -18.51 -1.44 -12.06
C ILE A 53 -19.81 -0.86 -11.51
N GLU A 54 -19.72 0.18 -10.69
CA GLU A 54 -20.93 0.72 -10.06
C GLU A 54 -21.79 1.48 -11.06
N LYS A 55 -21.19 2.07 -12.10
CA LYS A 55 -21.99 2.67 -13.16
C LYS A 55 -22.80 1.60 -13.90
N ALA A 56 -22.17 0.47 -14.23
CA ALA A 56 -22.88 -0.60 -14.92
C ALA A 56 -23.97 -1.19 -14.03
N GLU A 57 -23.71 -1.28 -12.72
CA GLU A 57 -24.76 -1.67 -11.79
C GLU A 57 -25.93 -0.69 -11.86
N ARG A 58 -25.64 0.60 -11.73
CA ARG A 58 -26.67 1.62 -11.75
C ARG A 58 -27.50 1.55 -13.03
N GLU A 59 -26.85 1.33 -14.17
CA GLU A 59 -27.53 1.26 -15.45
C GLU A 59 -28.16 -0.10 -15.73
N GLY A 60 -28.06 -1.04 -14.80
CA GLY A 60 -28.63 -2.36 -14.99
C GLY A 60 -27.90 -3.24 -15.97
N LYS A 61 -26.66 -2.91 -16.34
CA LYS A 61 -25.94 -3.73 -17.31
C LYS A 61 -25.33 -4.97 -16.67
N ILE A 62 -25.04 -4.94 -15.37
CA ILE A 62 -24.49 -6.08 -14.66
C ILE A 62 -25.14 -6.17 -13.28
N LYS A 63 -25.08 -7.37 -12.71
CA LYS A 63 -25.58 -7.66 -11.39
C LYS A 63 -24.61 -8.61 -10.71
N PRO A 64 -24.54 -8.60 -9.37
CA PRO A 64 -23.61 -9.48 -8.66
C PRO A 64 -23.68 -10.92 -9.14
N GLY A 65 -22.51 -11.53 -9.33
CA GLY A 65 -22.41 -12.84 -9.95
C GLY A 65 -22.06 -12.79 -11.42
N ASP A 66 -22.22 -11.64 -12.07
CA ASP A 66 -21.89 -11.51 -13.47
C ASP A 66 -20.38 -11.56 -13.67
N THR A 67 -19.98 -11.81 -14.92
CA THR A 67 -18.57 -11.95 -15.28
C THR A 67 -18.10 -10.70 -16.03
N ILE A 68 -16.96 -10.18 -15.62
CA ILE A 68 -16.35 -8.99 -16.20
C ILE A 68 -15.08 -9.43 -16.92
N VAL A 69 -14.81 -8.83 -18.08
CA VAL A 69 -13.58 -9.11 -18.82
C VAL A 69 -12.89 -7.80 -19.17
N GLU A 70 -11.56 -7.79 -19.06
CA GLU A 70 -10.79 -6.62 -19.43
C GLU A 70 -9.40 -7.06 -19.90
N PRO A 71 -8.94 -6.56 -21.05
CA PRO A 71 -7.57 -6.84 -21.48
C PRO A 71 -6.58 -5.88 -20.82
N THR A 72 -5.95 -6.31 -19.74
CA THR A 72 -5.04 -5.44 -19.01
C THR A 72 -3.93 -6.27 -18.37
N SER A 73 -2.71 -5.74 -18.44
CA SER A 73 -1.57 -6.29 -17.75
C SER A 73 -0.99 -5.30 -16.75
N GLY A 74 -1.75 -4.25 -16.43
CA GLY A 74 -1.29 -3.23 -15.51
C GLY A 74 -2.18 -3.10 -14.28
N ASN A 75 -2.28 -1.89 -13.74
CA ASN A 75 -2.95 -1.69 -12.47
C ASN A 75 -4.47 -1.76 -12.58
N THR A 76 -5.02 -1.61 -13.78
CA THR A 76 -6.47 -1.78 -13.94
C THR A 76 -6.88 -3.22 -13.68
N GLY A 77 -6.01 -4.19 -14.00
CA GLY A 77 -6.30 -5.57 -13.66
C GLY A 77 -6.35 -5.79 -12.17
N ILE A 78 -5.39 -5.22 -11.44
CA ILE A 78 -5.38 -5.35 -9.98
C ILE A 78 -6.59 -4.65 -9.39
N GLY A 79 -6.89 -3.42 -9.86
CA GLY A 79 -8.03 -2.69 -9.34
C GLY A 79 -9.35 -3.40 -9.60
N LEU A 80 -9.51 -3.94 -10.81
CA LEU A 80 -10.74 -4.66 -11.14
C LEU A 80 -10.85 -5.97 -10.37
N ALA A 81 -9.76 -6.73 -10.28
CA ALA A 81 -9.77 -7.95 -9.49
C ALA A 81 -10.13 -7.65 -8.04
N PHE A 82 -9.53 -6.60 -7.49
CA PHE A 82 -9.80 -6.17 -6.12
C PHE A 82 -11.28 -5.81 -5.95
N VAL A 83 -11.81 -4.96 -6.85
CA VAL A 83 -13.19 -4.51 -6.72
C VAL A 83 -14.17 -5.66 -6.96
N CYS A 84 -13.87 -6.53 -7.93
CA CYS A 84 -14.77 -7.63 -8.23
C CYS A 84 -14.85 -8.62 -7.05
N ALA A 85 -13.71 -8.87 -6.39
CA ALA A 85 -13.76 -9.71 -5.19
C ALA A 85 -14.58 -9.05 -4.10
N ALA A 86 -14.44 -7.73 -3.95
CA ALA A 86 -15.12 -7.02 -2.88
C ALA A 86 -16.63 -6.93 -3.11
N LYS A 87 -17.06 -6.81 -4.36
CA LYS A 87 -18.46 -6.60 -4.69
C LYS A 87 -19.16 -7.85 -5.19
N GLY A 88 -18.44 -8.95 -5.37
CA GLY A 88 -19.07 -10.21 -5.75
C GLY A 88 -19.22 -10.43 -7.24
N TYR A 89 -18.26 -9.99 -8.03
CA TYR A 89 -18.26 -10.24 -9.47
C TYR A 89 -17.11 -11.17 -9.83
N LYS A 90 -17.29 -11.88 -10.94
CA LYS A 90 -16.27 -12.78 -11.47
C LYS A 90 -15.39 -12.01 -12.44
N ALA A 91 -14.15 -11.77 -12.06
CA ALA A 91 -13.21 -11.05 -12.91
C ALA A 91 -12.48 -12.01 -13.82
N VAL A 92 -12.39 -11.64 -15.10
CA VAL A 92 -11.62 -12.37 -16.09
C VAL A 92 -10.71 -11.37 -16.78
N PHE A 93 -9.42 -11.70 -16.88
CA PHE A 93 -8.46 -10.82 -17.52
C PHE A 93 -7.74 -11.58 -18.62
N THR A 94 -7.63 -10.96 -19.78
CA THR A 94 -6.84 -11.49 -20.88
C THR A 94 -5.50 -10.78 -20.89
N MET A 95 -4.44 -11.55 -21.05
CA MET A 95 -3.09 -11.00 -21.02
C MET A 95 -2.17 -12.00 -21.70
N PRO A 96 -1.08 -11.54 -22.33
CA PRO A 96 -0.14 -12.47 -22.94
C PRO A 96 0.46 -13.39 -21.89
N GLU A 97 0.79 -14.62 -22.31
CA GLU A 97 1.42 -15.59 -21.41
C GLU A 97 2.73 -15.10 -20.83
N THR A 98 3.26 -13.98 -21.33
CA THR A 98 4.56 -13.48 -20.90
C THR A 98 4.56 -12.98 -19.47
N MET A 99 3.40 -12.64 -18.92
CA MET A 99 3.33 -11.88 -17.67
C MET A 99 3.96 -12.67 -16.52
N SER A 100 4.47 -11.92 -15.55
CA SER A 100 5.23 -12.49 -14.45
C SER A 100 4.33 -13.35 -13.55
N GLN A 101 4.96 -14.31 -12.87
CA GLN A 101 4.22 -15.15 -11.93
C GLN A 101 3.73 -14.35 -10.74
N GLU A 102 4.45 -13.32 -10.34
CA GLU A 102 4.03 -12.49 -9.22
C GLU A 102 2.71 -11.79 -9.52
N ARG A 103 2.63 -11.15 -10.70
CA ARG A 103 1.41 -10.45 -11.06
C ARG A 103 0.25 -11.43 -11.25
N ARG A 104 0.51 -12.60 -11.83
CA ARG A 104 -0.53 -13.59 -12.01
C ARG A 104 -1.05 -14.10 -10.67
N ASN A 105 -0.14 -14.39 -9.73
CA ASN A 105 -0.56 -14.83 -8.40
C ASN A 105 -1.34 -13.74 -7.68
N LEU A 106 -0.97 -12.47 -7.90
CA LEU A 106 -1.71 -11.37 -7.28
C LEU A 106 -3.15 -11.34 -7.74
N LEU A 107 -3.37 -11.43 -9.06
CA LEU A 107 -4.72 -11.43 -9.59
C LEU A 107 -5.47 -12.69 -9.18
N LYS A 108 -4.82 -13.85 -9.23
CA LYS A 108 -5.48 -15.08 -8.80
C LYS A 108 -5.76 -15.08 -7.31
N ALA A 109 -4.93 -14.39 -6.51
CA ALA A 109 -5.20 -14.29 -5.09
C ALA A 109 -6.53 -13.60 -4.81
N TYR A 110 -6.91 -12.66 -5.66
CA TYR A 110 -8.24 -12.05 -5.60
C TYR A 110 -9.32 -12.94 -6.21
N GLY A 111 -8.99 -14.16 -6.63
CA GLY A 111 -9.99 -15.04 -7.22
C GLY A 111 -10.33 -14.75 -8.66
N ALA A 112 -9.52 -13.95 -9.35
CA ALA A 112 -9.78 -13.66 -10.76
C ALA A 112 -9.33 -14.82 -11.62
N GLU A 113 -10.05 -15.02 -12.72
CA GLU A 113 -9.65 -16.00 -13.74
C GLU A 113 -8.82 -15.30 -14.79
N LEU A 114 -7.75 -15.97 -15.22
CA LEU A 114 -6.84 -15.43 -16.22
C LEU A 114 -6.98 -16.23 -17.50
N VAL A 115 -7.22 -15.54 -18.61
CA VAL A 115 -7.18 -16.13 -19.94
C VAL A 115 -5.88 -15.71 -20.60
N LEU A 116 -4.94 -16.65 -20.68
CA LEU A 116 -3.59 -16.35 -21.16
C LEU A 116 -3.56 -16.48 -22.67
N THR A 117 -3.21 -15.39 -23.34
CA THR A 117 -3.18 -15.28 -24.79
C THR A 117 -1.77 -15.41 -25.31
N PRO A 118 -1.59 -15.72 -26.60
CA PRO A 118 -0.24 -15.96 -27.13
C PRO A 118 0.71 -14.80 -26.84
N GLY A 119 1.87 -15.14 -26.28
CA GLY A 119 2.85 -14.12 -25.97
C GLY A 119 3.35 -13.40 -27.21
N SER A 120 3.40 -14.09 -28.35
CA SER A 120 3.82 -13.45 -29.58
C SER A 120 2.81 -12.40 -30.06
N GLU A 121 1.56 -12.47 -29.62
CA GLU A 121 0.54 -11.51 -30.01
C GLU A 121 0.44 -10.34 -29.04
N ALA A 122 1.04 -10.46 -27.85
CA ALA A 122 1.19 -9.37 -26.88
C ALA A 122 -0.20 -8.80 -26.54
N MET A 123 -0.35 -7.47 -26.52
CA MET A 123 -1.61 -6.85 -26.15
C MET A 123 -2.67 -7.04 -27.22
N LYS A 124 -2.26 -7.17 -28.49
CA LYS A 124 -3.23 -7.37 -29.56
C LYS A 124 -4.02 -8.65 -29.34
N GLY A 125 -3.33 -9.75 -28.99
CA GLY A 125 -4.02 -10.99 -28.71
C GLY A 125 -4.90 -10.92 -27.48
N ALA A 126 -4.46 -10.16 -26.47
CA ALA A 126 -5.27 -10.00 -25.27
C ALA A 126 -6.53 -9.21 -25.56
N ILE A 127 -6.41 -8.12 -26.31
CA ILE A 127 -7.60 -7.35 -26.70
C ILE A 127 -8.53 -8.19 -27.55
N LYS A 128 -7.96 -8.97 -28.47
CA LYS A 128 -8.76 -9.83 -29.34
C LYS A 128 -9.59 -10.82 -28.53
N LYS A 129 -8.96 -11.48 -27.54
CA LYS A 129 -9.67 -12.46 -26.73
C LYS A 129 -10.77 -11.81 -25.92
N ALA A 130 -10.52 -10.62 -25.39
CA ALA A 130 -11.55 -9.90 -24.64
C ALA A 130 -12.74 -9.58 -25.54
N LYS A 131 -12.48 -9.19 -26.79
CA LYS A 131 -13.58 -8.90 -27.72
C LYS A 131 -14.40 -10.15 -28.00
N GLU A 132 -13.75 -11.30 -28.13
CA GLU A 132 -14.48 -12.54 -28.38
C GLU A 132 -15.40 -12.86 -27.21
N LEU A 133 -14.89 -12.76 -25.99
CA LEU A 133 -15.71 -13.05 -24.81
C LEU A 133 -16.83 -12.03 -24.67
N LYS A 134 -16.54 -10.77 -25.01
CA LYS A 134 -17.58 -9.74 -24.97
C LYS A 134 -18.66 -10.01 -26.01
N GLU A 135 -18.25 -10.23 -27.27
CA GLU A 135 -19.20 -10.28 -28.38
C GLU A 135 -19.88 -11.64 -28.50
N GLU A 136 -19.14 -12.73 -28.31
CA GLU A 136 -19.69 -14.06 -28.51
C GLU A 136 -20.27 -14.67 -27.24
N HIS A 137 -19.95 -14.13 -26.07
CA HIS A 137 -20.39 -14.73 -24.81
C HIS A 137 -20.99 -13.74 -23.83
N GLY A 138 -21.07 -12.46 -24.18
CA GLY A 138 -21.78 -11.50 -23.36
C GLY A 138 -21.07 -11.04 -22.11
N TYR A 139 -19.78 -11.33 -21.97
CA TYR A 139 -19.02 -10.76 -20.85
C TYR A 139 -19.08 -9.24 -20.90
N PHE A 140 -19.22 -8.62 -19.73
CA PHE A 140 -19.20 -7.17 -19.67
C PHE A 140 -17.75 -6.68 -19.69
N GLU A 141 -17.42 -5.84 -20.68
CA GLU A 141 -16.09 -5.27 -20.76
C GLU A 141 -16.14 -3.81 -20.30
N PRO A 142 -15.49 -3.46 -19.19
CA PRO A 142 -15.50 -2.05 -18.78
C PRO A 142 -14.94 -1.11 -19.83
N GLN A 143 -13.88 -1.52 -20.54
CA GLN A 143 -13.23 -0.71 -21.55
C GLN A 143 -12.71 0.59 -20.96
N GLN A 144 -11.57 0.51 -20.26
CA GLN A 144 -11.02 1.66 -19.54
C GLN A 144 -10.62 2.79 -20.47
N PHE A 145 -10.46 2.53 -21.77
CA PHE A 145 -10.02 3.57 -22.69
C PHE A 145 -11.16 4.30 -23.37
N GLU A 146 -12.40 3.88 -23.15
CA GLU A 146 -13.55 4.53 -23.79
C GLU A 146 -14.63 4.87 -22.76
N ASN A 147 -14.69 4.11 -21.67
CA ASN A 147 -15.77 4.24 -20.70
C ASN A 147 -15.75 5.64 -20.05
N PRO A 148 -16.81 6.43 -20.24
CA PRO A 148 -16.85 7.77 -19.62
C PRO A 148 -16.78 7.74 -18.10
N ALA A 149 -17.08 6.61 -17.47
CA ALA A 149 -16.97 6.52 -16.01
C ALA A 149 -15.54 6.75 -15.54
N ASN A 150 -14.56 6.51 -16.43
CA ASN A 150 -13.15 6.72 -16.06
C ASN A 150 -12.87 8.20 -15.83
N PRO A 151 -13.01 9.10 -16.82
CA PRO A 151 -12.74 10.52 -16.51
C PRO A 151 -13.78 11.13 -15.60
N GLU A 152 -15.01 10.60 -15.60
CA GLU A 152 -16.06 11.18 -14.77
C GLU A 152 -15.82 10.92 -13.28
N VAL A 153 -15.27 9.76 -12.92
CA VAL A 153 -15.00 9.52 -11.51
C VAL A 153 -13.93 10.49 -11.01
N HIS A 154 -12.99 10.89 -11.88
CA HIS A 154 -12.02 11.89 -11.48
C HIS A 154 -12.66 13.27 -11.41
N GLU A 155 -13.72 13.50 -12.20
CA GLU A 155 -14.51 14.71 -12.08
C GLU A 155 -15.24 14.78 -10.75
N LEU A 156 -15.69 13.63 -10.24
CA LEU A 156 -16.59 13.58 -9.10
C LEU A 156 -15.91 13.23 -7.79
N THR A 157 -14.67 12.74 -7.83
CA THR A 157 -13.97 12.40 -6.59
C THR A 157 -12.57 13.01 -6.56
N THR A 158 -11.71 12.65 -7.51
CA THR A 158 -10.31 13.07 -7.45
C THR A 158 -10.19 14.59 -7.52
N GLY A 159 -10.77 15.20 -8.54
CA GLY A 159 -10.75 16.64 -8.71
C GLY A 159 -11.29 17.39 -7.51
N PRO A 160 -12.53 17.08 -7.09
CA PRO A 160 -13.07 17.71 -5.88
C PRO A 160 -12.20 17.55 -4.65
N GLU A 161 -11.58 16.38 -4.46
CA GLU A 161 -10.65 16.21 -3.34
C GLU A 161 -9.55 17.26 -3.38
N LEU A 162 -8.98 17.52 -4.56
CA LEU A 162 -7.93 18.53 -4.68
C LEU A 162 -8.47 19.93 -4.39
N LEU A 163 -9.71 20.21 -4.80
CA LEU A 163 -10.33 21.49 -4.43
C LEU A 163 -10.47 21.61 -2.92
N GLN A 164 -10.96 20.56 -2.27
CA GLN A 164 -11.09 20.58 -0.81
C GLN A 164 -9.73 20.64 -0.13
N GLN A 165 -8.72 20.00 -0.71
CA GLN A 165 -7.41 19.97 -0.06
C GLN A 165 -6.64 21.27 -0.25
N PHE A 166 -6.86 21.98 -1.36
CA PHE A 166 -6.20 23.25 -1.61
C PHE A 166 -7.13 24.44 -1.48
N GLU A 167 -8.17 24.30 -0.66
CA GLU A 167 -8.97 25.44 -0.26
C GLU A 167 -8.10 26.44 0.50
N GLY A 168 -8.37 27.73 0.30
CA GLY A 168 -7.51 28.77 0.82
C GLY A 168 -6.27 29.03 -0.01
N LYS A 169 -6.02 28.23 -1.04
CA LYS A 169 -4.91 28.42 -1.96
C LYS A 169 -5.43 28.31 -3.39
N THR A 170 -4.57 28.68 -4.34
CA THR A 170 -4.83 28.45 -5.75
C THR A 170 -3.83 27.46 -6.30
N ILE A 171 -4.28 26.63 -7.24
CA ILE A 171 -3.41 25.71 -7.95
C ILE A 171 -3.08 26.35 -9.29
N ASP A 172 -1.78 26.54 -9.53
CA ASP A 172 -1.32 27.21 -10.74
C ASP A 172 -0.97 26.25 -11.85
N ALA A 173 -0.71 24.98 -11.53
CA ALA A 173 -0.37 23.99 -12.54
C ALA A 173 -0.74 22.61 -12.01
N PHE A 174 -1.48 21.86 -12.81
CA PHE A 174 -1.69 20.44 -12.54
C PHE A 174 -1.05 19.63 -13.66
N LEU A 175 -0.30 18.60 -13.28
CA LEU A 175 0.37 17.72 -14.22
C LEU A 175 0.01 16.28 -13.90
N ALA A 176 -0.10 15.47 -14.96
CA ALA A 176 -0.39 14.06 -14.75
C ALA A 176 0.08 13.28 -15.96
N GLY A 177 0.71 12.13 -15.71
CA GLY A 177 0.96 11.20 -16.78
C GLY A 177 -0.33 10.70 -17.39
N VAL A 178 -0.28 10.42 -18.68
CA VAL A 178 -1.46 10.02 -19.43
C VAL A 178 -1.34 8.54 -19.77
N GLY A 179 -2.20 7.73 -19.16
CA GLY A 179 -2.38 6.35 -19.57
C GLY A 179 -3.67 6.22 -20.34
N THR A 180 -4.79 6.15 -19.61
CA THR A 180 -6.09 6.35 -20.24
C THR A 180 -6.38 7.83 -20.46
N GLY A 181 -5.70 8.71 -19.73
CA GLY A 181 -6.01 10.12 -19.73
C GLY A 181 -7.18 10.51 -18.84
N GLY A 182 -7.80 9.55 -18.15
CA GLY A 182 -8.95 9.87 -17.32
C GLY A 182 -8.59 10.79 -16.17
N THR A 183 -7.42 10.59 -15.57
CA THR A 183 -6.98 11.45 -14.47
C THR A 183 -6.83 12.89 -14.94
N LEU A 184 -6.02 13.10 -15.99
CA LEU A 184 -5.79 14.45 -16.50
C LEU A 184 -7.09 15.12 -16.93
N SER A 185 -7.97 14.36 -17.61
CA SER A 185 -9.18 14.96 -18.15
C SER A 185 -10.19 15.28 -17.05
N GLY A 186 -10.40 14.34 -16.13
CA GLY A 186 -11.42 14.54 -15.11
C GLY A 186 -11.05 15.62 -14.11
N VAL A 187 -9.84 15.54 -13.55
CA VAL A 187 -9.43 16.57 -12.60
C VAL A 187 -9.13 17.86 -13.32
N GLY A 188 -8.65 17.79 -14.57
CA GLY A 188 -8.37 19.00 -15.31
C GLY A 188 -9.62 19.80 -15.61
N LYS A 189 -10.73 19.11 -15.89
CA LYS A 189 -12.00 19.80 -16.08
C LYS A 189 -12.43 20.52 -14.81
N VAL A 190 -12.29 19.86 -13.67
CA VAL A 190 -12.74 20.44 -12.41
C VAL A 190 -11.83 21.59 -11.97
N LEU A 191 -10.51 21.41 -12.12
CA LEU A 191 -9.59 22.46 -11.69
C LEU A 191 -9.68 23.69 -12.60
N LYS A 192 -9.84 23.49 -13.91
CA LYS A 192 -9.99 24.61 -14.82
C LYS A 192 -11.26 25.40 -14.54
N LYS A 193 -12.34 24.72 -14.11
CA LYS A 193 -13.56 25.44 -13.77
C LYS A 193 -13.35 26.32 -12.55
N GLU A 194 -12.58 25.84 -11.57
CA GLU A 194 -12.31 26.58 -10.34
C GLU A 194 -11.13 27.52 -10.48
N TYR A 195 -10.13 27.15 -11.28
CA TYR A 195 -8.92 27.96 -11.49
C TYR A 195 -8.74 28.18 -12.99
N PRO A 196 -9.44 29.16 -13.56
CA PRO A 196 -9.42 29.31 -15.03
C PRO A 196 -8.03 29.56 -15.62
N ASN A 197 -7.08 30.02 -14.82
CA ASN A 197 -5.73 30.29 -15.31
C ASN A 197 -4.74 29.17 -15.01
N ILE A 198 -5.23 28.01 -14.57
CA ILE A 198 -4.35 26.89 -14.27
C ILE A 198 -3.72 26.37 -15.57
N GLU A 199 -2.49 25.88 -15.46
CA GLU A 199 -1.86 25.14 -16.55
C GLU A 199 -2.09 23.66 -16.34
N ILE A 200 -2.73 23.00 -17.31
CA ILE A 200 -2.89 21.55 -17.30
C ILE A 200 -1.83 20.98 -18.24
N VAL A 201 -0.98 20.10 -17.70
CA VAL A 201 0.18 19.61 -18.43
C VAL A 201 0.08 18.10 -18.54
N ALA A 202 0.06 17.60 -19.77
CA ALA A 202 0.12 16.17 -20.01
C ALA A 202 1.57 15.68 -19.99
N ILE A 203 1.79 14.55 -19.33
CA ILE A 203 3.09 13.91 -19.27
C ILE A 203 3.01 12.61 -20.04
N GLU A 204 3.96 12.40 -20.95
CA GLU A 204 4.00 11.21 -21.77
C GLU A 204 5.45 10.80 -21.97
N PRO A 205 5.70 9.52 -22.22
CA PRO A 205 7.10 9.07 -22.40
C PRO A 205 7.70 9.64 -23.67
N GLU A 206 8.99 9.98 -23.59
CA GLU A 206 9.71 10.45 -24.76
C GLU A 206 9.84 9.35 -25.82
N ALA A 207 9.68 8.09 -25.42
CA ALA A 207 9.73 6.99 -26.38
C ALA A 207 8.43 6.87 -27.17
N SER A 208 7.30 7.23 -26.57
CA SER A 208 6.00 7.21 -27.24
C SER A 208 5.32 8.55 -27.05
N PRO A 209 5.85 9.62 -27.65
CA PRO A 209 5.27 10.97 -27.48
C PRO A 209 4.12 11.24 -28.45
N VAL A 210 3.11 10.36 -28.42
CA VAL A 210 2.01 10.42 -29.39
C VAL A 210 1.25 11.74 -29.26
N LEU A 211 1.04 12.21 -28.03
CA LEU A 211 0.26 13.44 -27.84
C LEU A 211 0.97 14.66 -28.43
N SER A 212 2.30 14.67 -28.41
CA SER A 212 3.08 15.79 -28.96
C SER A 212 3.18 15.68 -30.47
N GLY A 213 2.14 15.13 -31.09
CA GLY A 213 2.19 14.79 -32.50
C GLY A 213 3.25 13.77 -32.85
N GLY A 214 4.02 13.30 -31.87
CA GLY A 214 5.13 12.41 -32.14
C GLY A 214 4.66 10.99 -32.43
N GLU A 215 5.67 10.08 -32.43
CA GLU A 215 5.51 8.77 -32.98
C GLU A 215 5.59 7.69 -31.91
N PRO A 216 4.68 6.71 -31.99
CA PRO A 216 4.62 5.66 -30.97
C PRO A 216 5.94 4.91 -30.81
N GLY A 217 6.11 4.30 -29.64
CA GLY A 217 7.30 3.53 -29.37
C GLY A 217 7.23 2.77 -28.06
N PRO A 218 8.29 2.02 -27.76
CA PRO A 218 8.32 1.25 -26.51
C PRO A 218 9.05 2.00 -25.40
N HIS A 219 8.47 1.96 -24.21
CA HIS A 219 9.01 2.67 -23.07
C HIS A 219 8.93 1.80 -21.83
N LYS A 220 9.51 2.30 -20.74
CA LYS A 220 9.50 1.63 -19.46
C LYS A 220 8.66 2.37 -18.42
N LEU A 221 7.96 3.43 -18.83
CA LEU A 221 7.08 4.18 -17.94
C LEU A 221 5.74 3.45 -17.87
N GLN A 222 5.69 2.42 -17.03
CA GLN A 222 4.49 1.60 -16.89
C GLN A 222 3.32 2.46 -16.43
N GLY A 223 2.16 2.26 -17.06
CA GLY A 223 0.99 3.06 -16.80
C GLY A 223 0.76 4.18 -17.78
N LEU A 224 1.75 4.51 -18.61
CA LEU A 224 1.65 5.59 -19.57
C LEU A 224 1.82 5.05 -20.99
N GLY A 225 1.82 5.96 -21.96
CA GLY A 225 2.15 5.67 -23.34
C GLY A 225 1.42 4.51 -23.97
N ALA A 226 0.10 4.61 -24.07
CA ALA A 226 -0.69 3.54 -24.66
C ALA A 226 -0.44 3.38 -26.16
N GLY A 227 0.17 4.37 -26.80
CA GLY A 227 0.44 4.31 -28.23
C GLY A 227 -0.65 4.87 -29.11
N PHE A 228 -1.77 5.29 -28.54
CA PHE A 228 -2.87 5.87 -29.28
C PHE A 228 -3.46 6.99 -28.45
N ILE A 229 -4.47 7.67 -29.01
CA ILE A 229 -5.17 8.71 -28.27
C ILE A 229 -6.47 8.10 -27.73
N PRO A 230 -6.52 7.80 -26.43
CA PRO A 230 -7.70 7.11 -25.89
C PRO A 230 -8.93 7.99 -25.92
N GLY A 231 -10.08 7.35 -26.09
CA GLY A 231 -11.35 8.06 -26.03
C GLY A 231 -11.59 8.76 -24.71
N THR A 232 -11.00 8.25 -23.63
CA THR A 232 -11.14 8.83 -22.30
C THR A 232 -10.22 10.03 -22.09
N LEU A 233 -9.36 10.36 -23.04
CA LEU A 233 -8.50 11.52 -22.95
C LEU A 233 -9.14 12.68 -23.69
N ASN A 234 -9.34 13.80 -22.98
CA ASN A 234 -9.82 15.04 -23.58
C ASN A 234 -8.59 15.79 -24.08
N THR A 235 -8.33 15.71 -25.38
CA THR A 235 -7.11 16.29 -25.94
C THR A 235 -7.11 17.81 -25.89
N GLU A 236 -8.23 18.44 -25.54
CA GLU A 236 -8.29 19.88 -25.35
C GLU A 236 -7.96 20.31 -23.93
N ILE A 237 -7.91 19.36 -22.97
CA ILE A 237 -7.82 19.75 -21.58
C ILE A 237 -6.44 20.29 -21.25
N TYR A 238 -5.39 19.83 -21.93
CA TYR A 238 -4.03 20.19 -21.58
C TYR A 238 -3.52 21.33 -22.44
N ASP A 239 -2.80 22.25 -21.81
CA ASP A 239 -2.19 23.40 -22.47
C ASP A 239 -0.81 23.10 -23.03
N SER A 240 -0.13 22.09 -22.51
CA SER A 240 1.21 21.76 -22.96
C SER A 240 1.49 20.30 -22.60
N ILE A 241 2.59 19.79 -23.15
CA ILE A 241 3.00 18.41 -22.95
C ILE A 241 4.47 18.40 -22.56
N ILE A 242 4.80 17.65 -21.51
CA ILE A 242 6.17 17.44 -21.07
C ILE A 242 6.50 15.98 -21.30
N LYS A 243 7.55 15.72 -22.07
CA LYS A 243 8.00 14.37 -22.37
C LYS A 243 9.16 14.01 -21.46
N VAL A 244 9.11 12.79 -20.90
CA VAL A 244 10.12 12.31 -19.98
C VAL A 244 10.68 11.00 -20.51
N GLY A 245 12.02 10.86 -20.43
CA GLY A 245 12.65 9.62 -20.85
C GLY A 245 12.69 8.59 -19.74
N ASN A 246 13.03 7.35 -20.13
CA ASN A 246 13.03 6.25 -19.18
C ASN A 246 14.04 6.46 -18.07
N ASP A 247 15.29 6.80 -18.43
CA ASP A 247 16.34 6.94 -17.44
C ASP A 247 16.09 8.13 -16.52
N THR A 248 15.58 9.22 -17.06
CA THR A 248 15.24 10.38 -16.22
C THR A 248 14.17 10.03 -15.21
N ALA A 249 13.15 9.28 -15.63
CA ALA A 249 12.07 8.90 -14.72
C ALA A 249 12.57 7.96 -13.64
N MET A 250 13.40 6.99 -14.01
CA MET A 250 13.93 6.06 -13.01
C MET A 250 14.84 6.77 -12.02
N GLU A 251 15.66 7.70 -12.51
CA GLU A 251 16.55 8.44 -11.62
C GLU A 251 15.75 9.32 -10.65
N MET A 252 14.61 9.84 -11.09
CA MET A 252 13.81 10.69 -10.20
C MET A 252 13.07 9.86 -9.16
N SER A 253 12.55 8.69 -9.55
CA SER A 253 11.92 7.80 -8.58
C SER A 253 12.91 7.41 -7.48
N ARG A 254 14.14 7.07 -7.87
CA ARG A 254 15.15 6.70 -6.88
C ARG A 254 15.48 7.87 -5.97
N ARG A 255 15.57 9.08 -6.53
CA ARG A 255 15.87 10.25 -5.70
C ARG A 255 14.73 10.55 -4.75
N VAL A 256 13.48 10.47 -5.22
CA VAL A 256 12.34 10.74 -4.36
C VAL A 256 12.27 9.70 -3.24
N ALA A 257 12.62 8.45 -3.56
CA ALA A 257 12.63 7.40 -2.55
C ALA A 257 13.71 7.65 -1.51
N LYS A 258 14.92 8.00 -1.96
CA LYS A 258 16.03 8.19 -1.03
C LYS A 258 15.96 9.52 -0.30
N GLU A 259 15.44 10.56 -0.93
CA GLU A 259 15.51 11.90 -0.37
C GLU A 259 14.19 12.40 0.23
N GLU A 260 13.05 11.91 -0.24
CA GLU A 260 11.76 12.27 0.33
C GLU A 260 11.12 11.14 1.14
N GLY A 261 11.63 9.92 1.03
CA GLY A 261 10.98 8.80 1.68
C GLY A 261 9.69 8.36 1.01
N ILE A 262 9.50 8.71 -0.25
CA ILE A 262 8.29 8.35 -0.99
C ILE A 262 8.70 7.38 -2.09
N LEU A 263 8.39 6.10 -1.90
CA LEU A 263 8.74 5.06 -2.85
C LEU A 263 7.57 4.86 -3.79
N ALA A 264 7.72 5.28 -5.04
CA ALA A 264 6.66 5.22 -6.02
C ALA A 264 7.19 4.69 -7.34
N GLY A 265 6.26 4.38 -8.25
CA GLY A 265 6.60 3.78 -9.52
C GLY A 265 7.36 4.73 -10.43
N ILE A 266 7.73 4.20 -11.60
CA ILE A 266 8.51 4.99 -12.55
C ILE A 266 7.66 6.13 -13.13
N SER A 267 6.38 5.89 -13.35
CA SER A 267 5.49 6.95 -13.84
C SER A 267 5.37 8.08 -12.83
N SER A 268 5.46 7.77 -11.54
CA SER A 268 5.48 8.82 -10.53
C SER A 268 6.77 9.63 -10.61
N GLY A 269 7.89 8.97 -10.89
CA GLY A 269 9.13 9.69 -11.11
C GLY A 269 9.06 10.61 -12.32
N ALA A 270 8.33 10.19 -13.35
CA ALA A 270 8.14 11.07 -14.51
C ALA A 270 7.28 12.26 -14.15
N ALA A 271 6.19 12.04 -13.40
CA ALA A 271 5.32 13.12 -12.99
C ALA A 271 6.06 14.14 -12.12
N ILE A 272 6.91 13.65 -11.21
CA ILE A 272 7.62 14.55 -10.31
C ILE A 272 8.70 15.30 -11.07
N TYR A 273 9.39 14.65 -12.00
CA TYR A 273 10.36 15.34 -12.83
C TYR A 273 9.72 16.49 -13.58
N ALA A 274 8.57 16.23 -14.21
CA ALA A 274 7.87 17.27 -14.94
C ALA A 274 7.38 18.37 -14.00
N ALA A 275 6.85 18.00 -12.83
CA ALA A 275 6.33 18.98 -11.90
C ALA A 275 7.44 19.88 -11.37
N ILE A 276 8.66 19.36 -11.24
CA ILE A 276 9.77 20.17 -10.77
C ILE A 276 10.18 21.19 -11.83
N GLN A 277 10.26 20.76 -13.09
CA GLN A 277 10.57 21.70 -14.16
C GLN A 277 9.53 22.82 -14.24
N LYS A 278 8.25 22.46 -14.20
CA LYS A 278 7.19 23.45 -14.21
C LYS A 278 7.26 24.38 -13.01
N ALA A 279 7.64 23.82 -11.85
CA ALA A 279 7.76 24.65 -10.65
C ALA A 279 8.92 25.63 -10.75
N LYS A 280 10.03 25.21 -11.36
CA LYS A 280 11.13 26.13 -11.59
C LYS A 280 10.72 27.26 -12.53
N GLU A 281 9.83 26.95 -13.50
CA GLU A 281 9.36 27.98 -14.42
C GLU A 281 8.46 28.99 -13.70
N LEU A 282 7.63 28.52 -12.78
CA LEU A 282 6.67 29.40 -12.12
C LEU A 282 7.31 30.18 -10.97
N GLY A 283 8.31 29.61 -10.30
CA GLY A 283 9.00 30.30 -9.24
C GLY A 283 8.21 30.35 -7.94
N LYS A 284 8.83 30.95 -6.93
CA LYS A 284 8.27 31.00 -5.59
C LYS A 284 6.89 31.66 -5.59
N GLY A 285 6.06 31.26 -4.64
CA GLY A 285 4.70 31.76 -4.54
C GLY A 285 3.66 30.99 -5.33
N LYS A 286 4.09 30.11 -6.25
CA LYS A 286 3.17 29.35 -7.08
C LYS A 286 3.02 27.93 -6.56
N THR A 287 1.96 27.27 -7.00
CA THR A 287 1.58 25.95 -6.50
C THR A 287 1.45 24.97 -7.65
N VAL A 288 2.20 23.87 -7.59
CA VAL A 288 2.21 22.85 -8.63
C VAL A 288 1.79 21.53 -8.00
N VAL A 289 0.81 20.86 -8.61
CA VAL A 289 0.25 19.62 -8.10
C VAL A 289 0.38 18.54 -9.16
N THR A 290 0.77 17.34 -8.74
CA THR A 290 0.78 16.19 -9.63
C THR A 290 0.33 14.95 -8.85
N VAL A 291 0.23 13.83 -9.55
CA VAL A 291 -0.36 12.61 -9.02
C VAL A 291 0.66 11.48 -9.06
N LEU A 292 0.78 10.74 -7.95
CA LEU A 292 1.62 9.55 -7.90
C LEU A 292 0.71 8.33 -8.04
N PRO A 293 0.63 7.70 -9.21
CA PRO A 293 -0.40 6.67 -9.44
C PRO A 293 -0.15 5.34 -8.76
N SER A 294 1.11 4.96 -8.50
CA SER A 294 1.38 3.63 -7.97
C SER A 294 2.60 3.66 -7.06
N ASN A 295 2.76 2.58 -6.31
CA ASN A 295 3.84 2.43 -5.35
C ASN A 295 5.04 1.71 -5.99
N GLY A 296 6.22 2.00 -5.44
CA GLY A 296 7.44 1.40 -5.95
C GLY A 296 7.60 -0.08 -5.64
N GLU A 297 6.96 -0.55 -4.57
CA GLU A 297 7.02 -1.98 -4.24
C GLU A 297 6.52 -2.86 -5.38
N ARG A 298 5.50 -2.39 -6.11
CA ARG A 298 4.96 -3.11 -7.26
C ARG A 298 5.97 -3.27 -8.39
N TYR A 299 7.17 -2.72 -8.25
CA TYR A 299 8.16 -2.74 -9.31
C TYR A 299 9.56 -3.06 -8.80
N LEU A 300 9.67 -3.72 -7.64
CA LEU A 300 10.97 -4.13 -7.11
C LEU A 300 11.63 -5.20 -7.96
N SER A 301 10.90 -5.85 -8.85
CA SER A 301 11.45 -6.82 -9.79
C SER A 301 11.85 -6.20 -11.12
N THR A 302 11.71 -4.88 -11.25
CA THR A 302 12.06 -4.17 -12.48
C THR A 302 13.43 -3.51 -12.34
N PRO A 303 14.06 -3.14 -13.45
CA PRO A 303 15.34 -2.41 -13.36
C PRO A 303 15.24 -1.08 -12.65
N LEU A 304 14.02 -0.60 -12.37
CA LEU A 304 13.86 0.66 -11.67
C LEU A 304 14.53 0.64 -10.30
N TYR A 305 14.50 -0.50 -9.62
CA TYR A 305 15.14 -0.64 -8.31
C TYR A 305 16.01 -1.89 -8.24
N SER A 306 16.54 -2.33 -9.38
CA SER A 306 17.45 -3.48 -9.40
C SER A 306 18.89 -3.04 -9.67
N GLN B 2 -7.84 14.86 3.10
CA GLN B 2 -7.04 15.47 4.16
C GLN B 2 -6.13 16.55 3.59
N LYS B 3 -6.06 17.69 4.30
CA LYS B 3 -5.24 18.83 3.90
C LYS B 3 -3.79 18.39 3.69
N PRO B 4 -3.06 19.06 2.80
CA PRO B 4 -1.69 18.61 2.48
C PRO B 4 -0.80 18.62 3.71
N VAL B 5 0.10 17.64 3.79
CA VAL B 5 1.04 17.53 4.88
C VAL B 5 2.44 17.86 4.35
N ASP B 6 3.34 18.16 5.28
CA ASP B 6 4.69 18.60 4.93
C ASP B 6 5.67 17.45 4.79
N ASN B 7 5.37 16.28 5.35
CA ASN B 7 6.30 15.16 5.35
C ASN B 7 5.48 13.88 5.29
N ILE B 8 6.00 12.87 4.59
CA ILE B 8 5.25 11.62 4.40
C ILE B 8 4.99 10.94 5.75
N THR B 9 5.85 11.16 6.74
CA THR B 9 5.64 10.55 8.05
C THR B 9 4.37 11.03 8.71
N GLN B 10 3.84 12.18 8.32
CA GLN B 10 2.59 12.68 8.89
C GLN B 10 1.38 11.89 8.41
N ILE B 11 1.55 11.00 7.42
CA ILE B 11 0.49 10.09 6.99
C ILE B 11 0.43 8.83 7.84
N ILE B 12 1.47 8.55 8.63
CA ILE B 12 1.50 7.35 9.46
C ILE B 12 0.38 7.42 10.49
N GLY B 13 -0.42 6.36 10.56
CA GLY B 13 -1.49 6.27 11.53
C GLY B 13 -2.85 6.59 10.92
N GLY B 14 -3.85 6.58 11.80
CA GLY B 14 -5.22 6.83 11.37
C GLY B 14 -5.71 5.85 10.33
N THR B 15 -5.41 4.55 10.51
CA THR B 15 -5.71 3.51 9.54
C THR B 15 -7.18 3.10 9.62
N PRO B 16 -7.77 2.69 8.49
CA PRO B 16 -9.20 2.40 8.46
C PRO B 16 -9.53 1.02 9.02
N VAL B 17 -10.83 0.81 9.25
CA VAL B 17 -11.35 -0.43 9.79
C VAL B 17 -12.47 -0.92 8.87
N VAL B 18 -12.47 -2.23 8.59
CA VAL B 18 -13.43 -2.83 7.66
C VAL B 18 -14.11 -4.01 8.34
N LYS B 19 -15.43 -4.11 8.15
CA LYS B 19 -16.20 -5.24 8.66
C LYS B 19 -16.13 -6.40 7.68
N LEU B 20 -15.99 -7.61 8.22
CA LEU B 20 -16.00 -8.81 7.39
C LEU B 20 -17.42 -9.29 7.16
N ARG B 21 -17.74 -9.64 5.91
CA ARG B 21 -19.09 -9.98 5.51
C ARG B 21 -19.30 -11.43 5.13
N ASN B 22 -18.28 -12.09 4.57
CA ASN B 22 -18.51 -13.38 3.92
C ASN B 22 -17.75 -14.53 4.55
N VAL B 23 -16.53 -14.30 5.05
CA VAL B 23 -15.80 -15.38 5.71
C VAL B 23 -16.32 -15.64 7.11
N VAL B 24 -17.15 -14.76 7.66
CA VAL B 24 -17.77 -14.95 8.97
C VAL B 24 -19.27 -14.88 8.78
N ASP B 25 -19.98 -15.84 9.39
CA ASP B 25 -21.43 -15.87 9.27
C ASP B 25 -22.06 -14.85 10.21
N ASP B 26 -23.32 -14.51 9.92
CA ASP B 26 -24.06 -13.57 10.74
C ASP B 26 -24.53 -14.18 12.06
N ASN B 27 -24.40 -15.49 12.23
CA ASN B 27 -24.69 -16.14 13.51
C ASN B 27 -23.55 -15.99 14.50
N ALA B 28 -22.48 -15.31 14.13
CA ALA B 28 -21.35 -15.04 15.00
C ALA B 28 -21.26 -13.54 15.27
N ALA B 29 -20.30 -13.17 16.12
CA ALA B 29 -20.05 -11.77 16.39
C ALA B 29 -19.54 -11.06 15.14
N ASP B 30 -19.71 -9.74 15.11
CA ASP B 30 -19.12 -8.94 14.06
C ASP B 30 -17.59 -8.99 14.18
N VAL B 31 -16.92 -9.06 13.04
CA VAL B 31 -15.46 -9.08 12.98
C VAL B 31 -15.02 -7.88 12.17
N TYR B 32 -14.27 -6.98 12.81
CA TYR B 32 -13.69 -5.81 12.15
C TYR B 32 -12.18 -5.95 12.12
N VAL B 33 -11.57 -5.51 11.02
CA VAL B 33 -10.13 -5.59 10.85
C VAL B 33 -9.58 -4.19 10.62
N LYS B 34 -8.51 -3.85 11.35
CA LYS B 34 -7.85 -2.55 11.19
C LYS B 34 -6.69 -2.71 10.22
N LEU B 35 -6.73 -1.97 9.12
CA LEU B 35 -5.78 -2.17 8.02
C LEU B 35 -4.52 -1.35 8.28
N GLU B 36 -3.62 -1.94 9.06
CA GLU B 36 -2.34 -1.29 9.33
C GLU B 36 -1.43 -1.25 8.12
N TYR B 37 -1.72 -2.04 7.07
CA TYR B 37 -0.95 -1.93 5.84
C TYR B 37 -1.28 -0.66 5.07
N GLN B 38 -2.29 0.10 5.50
CA GLN B 38 -2.59 1.40 4.90
C GLN B 38 -1.65 2.49 5.36
N ASN B 39 -0.75 2.19 6.30
CA ASN B 39 0.31 3.12 6.62
C ASN B 39 1.16 3.36 5.37
N PRO B 40 1.75 4.55 5.23
CA PRO B 40 2.42 4.88 3.95
C PRO B 40 3.56 3.95 3.60
N GLY B 41 4.25 3.41 4.61
CA GLY B 41 5.34 2.47 4.38
C GLY B 41 4.92 1.04 4.24
N GLY B 42 3.64 0.74 4.45
CA GLY B 42 3.08 -0.56 4.14
C GLY B 42 2.83 -1.50 5.30
N SER B 43 3.14 -1.12 6.53
CA SER B 43 2.95 -2.04 7.64
C SER B 43 2.74 -1.26 8.94
N VAL B 44 2.35 -2.00 9.97
CA VAL B 44 2.17 -1.46 11.31
C VAL B 44 3.49 -0.89 11.85
N ASP B 46 5.47 1.09 10.66
CA ASP B 46 5.60 2.53 10.42
C ASP B 46 5.50 3.31 11.73
N ARG B 47 4.54 2.89 12.56
CA ARG B 47 4.30 3.59 13.82
C ARG B 47 5.51 3.52 14.74
N ILE B 48 6.05 2.32 14.95
CA ILE B 48 7.13 2.20 15.93
C ILE B 48 8.45 2.71 15.37
N ALA B 49 8.64 2.65 14.04
CA ALA B 49 9.84 3.24 13.45
C ALA B 49 9.86 4.74 13.69
N LEU B 50 8.74 5.41 13.47
CA LEU B 50 8.67 6.85 13.69
C LEU B 50 8.78 7.19 15.17
N ALA B 51 8.16 6.38 16.03
CA ALA B 51 8.16 6.68 17.47
C ALA B 51 9.55 6.53 18.07
N MET B 52 10.27 5.46 17.69
CA MET B 52 11.61 5.26 18.25
C MET B 52 12.59 6.31 17.73
N ILE B 53 12.51 6.65 16.44
CA ILE B 53 13.35 7.72 15.91
C ILE B 53 13.02 9.05 16.57
N GLU B 54 11.72 9.34 16.71
CA GLU B 54 11.31 10.62 17.30
C GLU B 54 11.73 10.74 18.76
N LYS B 55 11.57 9.66 19.52
CA LYS B 55 11.91 9.72 20.95
C LYS B 55 13.40 9.99 21.14
N ALA B 56 14.25 9.23 20.44
CA ALA B 56 15.69 9.47 20.52
C ALA B 56 16.05 10.87 20.01
N GLU B 57 15.43 11.28 18.90
CA GLU B 57 15.58 12.64 18.39
C GLU B 57 15.28 13.66 19.49
N ARG B 58 14.10 13.56 20.10
CA ARG B 58 13.73 14.49 21.16
C ARG B 58 14.64 14.35 22.37
N GLU B 59 15.15 13.15 22.63
CA GLU B 59 16.08 12.95 23.74
C GLU B 59 17.50 13.41 23.42
N GLY B 60 17.80 13.73 22.16
CA GLY B 60 19.12 14.18 21.80
C GLY B 60 20.12 13.09 21.51
N LYS B 61 19.71 11.83 21.52
CA LYS B 61 20.63 10.74 21.21
C LYS B 61 21.06 10.78 19.74
N ILE B 62 20.21 11.29 18.86
CA ILE B 62 20.54 11.41 17.44
C ILE B 62 20.07 12.77 16.92
N LYS B 63 20.76 13.22 15.89
CA LYS B 63 20.37 14.35 15.06
C LYS B 63 20.47 13.93 13.60
N PRO B 64 19.73 14.56 12.70
CA PRO B 64 19.78 14.16 11.29
C PRO B 64 21.21 14.09 10.77
N GLY B 65 21.49 13.06 9.97
CA GLY B 65 22.83 12.74 9.55
C GLY B 65 23.43 11.56 10.27
N ASP B 66 23.03 11.33 11.51
CA ASP B 66 23.47 10.14 12.24
C ASP B 66 22.94 8.88 11.57
N THR B 67 23.59 7.77 11.86
CA THR B 67 23.23 6.48 11.28
C THR B 67 22.47 5.63 12.29
N ILE B 68 21.43 4.96 11.82
CA ILE B 68 20.61 4.06 12.63
C ILE B 68 20.94 2.63 12.23
N VAL B 69 21.09 1.76 13.22
CA VAL B 69 21.39 0.35 12.98
C VAL B 69 20.33 -0.51 13.65
N GLU B 70 19.88 -1.55 12.95
CA GLU B 70 18.86 -2.43 13.51
C GLU B 70 18.99 -3.82 12.92
N PRO B 71 18.91 -4.85 13.75
CA PRO B 71 18.86 -6.23 13.22
C PRO B 71 17.43 -6.61 12.87
N THR B 72 17.12 -6.65 11.58
CA THR B 72 15.75 -6.92 11.18
C THR B 72 15.72 -7.55 9.79
N SER B 73 14.86 -8.55 9.65
CA SER B 73 14.63 -9.20 8.36
C SER B 73 13.22 -8.99 7.84
N GLY B 74 12.39 -8.20 8.53
CA GLY B 74 10.99 -8.04 8.20
C GLY B 74 10.62 -6.57 8.06
N ASN B 75 9.40 -6.26 8.51
CA ASN B 75 8.81 -4.96 8.22
C ASN B 75 9.40 -3.82 9.03
N THR B 76 10.10 -4.11 10.13
CA THR B 76 10.75 -3.04 10.87
C THR B 76 11.88 -2.41 10.05
N GLY B 77 12.60 -3.23 9.28
CA GLY B 77 13.61 -2.68 8.39
C GLY B 77 13.01 -1.79 7.33
N ILE B 78 11.89 -2.21 6.74
CA ILE B 78 11.20 -1.37 5.76
C ILE B 78 10.72 -0.08 6.42
N GLY B 79 10.10 -0.20 7.60
CA GLY B 79 9.63 0.99 8.29
C GLY B 79 10.75 1.94 8.67
N LEU B 80 11.87 1.39 9.16
CA LEU B 80 12.98 2.24 9.54
C LEU B 80 13.64 2.88 8.32
N ALA B 81 13.85 2.10 7.25
CA ALA B 81 14.42 2.68 6.03
C ALA B 81 13.53 3.77 5.48
N PHE B 82 12.22 3.58 5.52
CA PHE B 82 11.27 4.57 5.04
C PHE B 82 11.33 5.85 5.90
N VAL B 83 11.28 5.70 7.22
CA VAL B 83 11.31 6.85 8.10
C VAL B 83 12.67 7.54 8.06
N CYS B 84 13.75 6.77 7.98
CA CYS B 84 15.09 7.36 7.91
C CYS B 84 15.26 8.19 6.64
N ALA B 85 14.80 7.67 5.51
CA ALA B 85 14.89 8.42 4.27
C ALA B 85 14.05 9.69 4.33
N ALA B 86 12.89 9.62 4.99
CA ALA B 86 12.00 10.78 5.07
C ALA B 86 12.54 11.86 5.98
N LYS B 87 13.30 11.48 7.01
CA LYS B 87 13.72 12.42 8.05
C LYS B 87 15.21 12.74 8.01
N GLY B 88 15.96 12.20 7.06
CA GLY B 88 17.36 12.54 6.90
C GLY B 88 18.33 11.77 7.76
N TYR B 89 18.08 10.48 8.00
CA TYR B 89 18.98 9.63 8.74
C TYR B 89 19.54 8.54 7.84
N LYS B 90 20.79 8.18 8.08
CA LYS B 90 21.39 7.05 7.40
C LYS B 90 20.96 5.76 8.10
N ALA B 91 20.70 4.73 7.32
CA ALA B 91 20.18 3.47 7.84
C ALA B 91 21.10 2.34 7.47
N VAL B 92 21.48 1.53 8.47
CA VAL B 92 22.23 0.30 8.27
C VAL B 92 21.44 -0.83 8.91
N PHE B 93 21.24 -1.92 8.18
CA PHE B 93 20.50 -3.07 8.67
C PHE B 93 21.35 -4.31 8.52
N THR B 94 21.38 -5.13 9.56
CA THR B 94 22.03 -6.43 9.53
C THR B 94 20.97 -7.50 9.32
N MET B 95 21.33 -8.53 8.56
CA MET B 95 20.35 -9.54 8.16
C MET B 95 21.09 -10.79 7.72
N PRO B 96 20.49 -11.96 7.91
CA PRO B 96 21.11 -13.20 7.41
C PRO B 96 21.09 -13.23 5.90
N GLU B 97 21.97 -14.06 5.33
CA GLU B 97 22.05 -14.22 3.88
C GLU B 97 20.79 -14.84 3.29
N THR B 98 19.85 -15.29 4.12
CA THR B 98 18.62 -15.90 3.62
C THR B 98 17.64 -14.87 3.07
N MET B 99 17.79 -13.60 3.42
CA MET B 99 16.85 -12.58 2.97
C MET B 99 16.85 -12.48 1.45
N SER B 100 15.66 -12.35 0.87
CA SER B 100 15.49 -12.34 -0.58
C SER B 100 16.13 -11.10 -1.20
N GLN B 101 16.48 -11.21 -2.48
CA GLN B 101 17.03 -10.07 -3.21
C GLN B 101 15.99 -8.96 -3.38
N GLU B 102 14.71 -9.32 -3.49
CA GLU B 102 13.67 -8.31 -3.62
C GLU B 102 13.58 -7.43 -2.39
N ARG B 103 13.68 -8.03 -1.20
CA ARG B 103 13.68 -7.25 0.03
C ARG B 103 14.95 -6.41 0.14
N ARG B 104 16.10 -6.96 -0.29
CA ARG B 104 17.31 -6.17 -0.33
C ARG B 104 17.14 -4.95 -1.24
N ASN B 105 16.47 -5.13 -2.38
CA ASN B 105 16.24 -4.02 -3.29
C ASN B 105 15.30 -2.98 -2.68
N LEU B 106 14.33 -3.42 -1.89
CA LEU B 106 13.42 -2.48 -1.25
C LEU B 106 14.17 -1.59 -0.25
N LEU B 107 15.02 -2.21 0.59
CA LEU B 107 15.78 -1.42 1.55
C LEU B 107 16.77 -0.49 0.85
N LYS B 108 17.48 -1.00 -0.16
CA LYS B 108 18.40 -0.16 -0.90
C LYS B 108 17.68 0.99 -1.60
N ALA B 109 16.43 0.78 -2.00
CA ALA B 109 15.68 1.84 -2.66
C ALA B 109 15.47 3.04 -1.75
N TYR B 110 15.35 2.81 -0.44
CA TYR B 110 15.27 3.91 0.51
C TYR B 110 16.63 4.47 0.90
N GLY B 111 17.71 3.94 0.32
CA GLY B 111 19.04 4.42 0.62
C GLY B 111 19.71 3.77 1.81
N ALA B 112 19.18 2.65 2.29
CA ALA B 112 19.80 1.98 3.43
C ALA B 112 21.00 1.15 2.97
N GLU B 113 21.90 0.91 3.90
CA GLU B 113 23.05 0.03 3.68
C GLU B 113 22.79 -1.33 4.31
N LEU B 114 23.27 -2.37 3.64
CA LEU B 114 23.05 -3.74 4.08
C LEU B 114 24.36 -4.38 4.52
N VAL B 115 24.33 -5.05 5.66
CA VAL B 115 25.47 -5.83 6.17
C VAL B 115 24.97 -7.25 6.39
N LEU B 116 25.52 -8.19 5.61
CA LEU B 116 25.03 -9.56 5.61
C LEU B 116 25.76 -10.41 6.63
N THR B 117 25.01 -11.24 7.34
CA THR B 117 25.54 -12.19 8.31
C THR B 117 25.27 -13.62 7.85
N PRO B 118 26.05 -14.59 8.35
CA PRO B 118 25.87 -15.97 7.89
C PRO B 118 24.43 -16.45 7.99
N GLY B 119 23.93 -17.00 6.88
CA GLY B 119 22.52 -17.38 6.81
C GLY B 119 22.15 -18.47 7.79
N SER B 120 23.07 -19.38 8.08
CA SER B 120 22.77 -20.46 9.02
C SER B 120 22.59 -19.96 10.45
N GLU B 121 23.04 -18.74 10.74
CA GLU B 121 22.87 -18.15 12.06
C GLU B 121 21.56 -17.39 12.22
N ALA B 122 20.79 -17.24 11.14
CA ALA B 122 19.50 -16.57 11.17
C ALA B 122 19.58 -15.21 11.85
N MET B 123 18.58 -14.87 12.67
CA MET B 123 18.55 -13.57 13.33
C MET B 123 19.60 -13.48 14.44
N LYS B 124 20.02 -14.61 15.00
CA LYS B 124 21.04 -14.57 16.05
C LYS B 124 22.30 -13.88 15.57
N GLY B 125 22.74 -14.19 14.35
CA GLY B 125 23.92 -13.55 13.81
C GLY B 125 23.69 -12.08 13.50
N ALA B 126 22.50 -11.75 12.97
CA ALA B 126 22.20 -10.37 12.65
C ALA B 126 22.15 -9.51 13.91
N ILE B 127 21.60 -10.05 15.00
CA ILE B 127 21.52 -9.30 16.24
C ILE B 127 22.92 -9.00 16.77
N LYS B 128 23.80 -10.01 16.75
CA LYS B 128 25.15 -9.83 17.27
C LYS B 128 25.92 -8.80 16.45
N LYS B 129 25.73 -8.79 15.13
CA LYS B 129 26.44 -7.85 14.28
C LYS B 129 26.00 -6.41 14.56
N ALA B 130 24.69 -6.22 14.80
CA ALA B 130 24.19 -4.88 15.10
C ALA B 130 24.74 -4.38 16.44
N LYS B 131 24.90 -5.29 17.41
CA LYS B 131 25.45 -4.89 18.71
C LYS B 131 26.89 -4.40 18.57
N GLU B 132 27.68 -5.10 17.76
CA GLU B 132 29.06 -4.67 17.52
C GLU B 132 29.09 -3.32 16.81
N LEU B 133 28.24 -3.17 15.78
CA LEU B 133 28.17 -1.91 15.05
C LEU B 133 27.79 -0.76 15.98
N LYS B 134 26.85 -1.01 16.90
CA LYS B 134 26.42 0.04 17.80
C LYS B 134 27.49 0.36 18.84
N GLU B 135 27.94 -0.66 19.58
CA GLU B 135 28.81 -0.44 20.72
C GLU B 135 30.20 0.06 20.33
N GLU B 136 30.62 -0.15 19.08
CA GLU B 136 31.94 0.28 18.65
C GLU B 136 31.92 1.54 17.80
N HIS B 137 30.78 1.92 17.25
CA HIS B 137 30.71 3.06 16.35
C HIS B 137 29.69 4.12 16.78
N GLY B 138 29.03 3.95 17.93
CA GLY B 138 28.09 4.96 18.39
C GLY B 138 26.81 5.08 17.59
N TYR B 139 26.55 4.14 16.68
CA TYR B 139 25.28 4.13 15.97
C TYR B 139 24.14 3.93 16.96
N PHE B 140 22.99 4.55 16.67
CA PHE B 140 21.81 4.36 17.49
C PHE B 140 21.08 3.12 17.04
N GLU B 141 20.77 2.23 17.99
CA GLU B 141 19.97 1.05 17.72
C GLU B 141 18.61 1.24 18.36
N PRO B 142 17.52 1.34 17.59
CA PRO B 142 16.19 1.49 18.20
C PRO B 142 15.83 0.33 19.10
N GLN B 143 16.27 -0.89 18.76
CA GLN B 143 16.01 -2.09 19.56
C GLN B 143 14.51 -2.28 19.75
N GLN B 144 13.84 -2.80 18.72
CA GLN B 144 12.38 -2.87 18.72
C GLN B 144 11.83 -3.81 19.77
N PHE B 145 12.63 -4.78 20.25
CA PHE B 145 12.14 -5.74 21.23
C PHE B 145 12.31 -5.27 22.67
N GLU B 146 12.85 -4.08 22.89
CA GLU B 146 13.00 -3.56 24.25
C GLU B 146 12.49 -2.13 24.38
N ASN B 147 12.52 -1.37 23.29
CA ASN B 147 12.26 0.06 23.34
C ASN B 147 10.82 0.34 23.80
N PRO B 148 10.63 1.06 24.91
CA PRO B 148 9.26 1.34 25.38
C PRO B 148 8.45 2.20 24.43
N ALA B 149 9.11 2.93 23.53
CA ALA B 149 8.38 3.71 22.54
C ALA B 149 7.56 2.81 21.60
N ASN B 150 7.94 1.53 21.51
CA ASN B 150 7.19 0.61 20.64
C ASN B 150 5.79 0.37 21.20
N PRO B 151 5.59 -0.18 22.40
CA PRO B 151 4.22 -0.32 22.90
C PRO B 151 3.56 1.02 23.22
N GLU B 152 4.35 2.07 23.45
CA GLU B 152 3.77 3.36 23.83
C GLU B 152 3.07 4.03 22.65
N VAL B 153 3.59 3.88 21.43
CA VAL B 153 2.94 4.54 20.30
C VAL B 153 1.58 3.90 20.03
N HIS B 154 1.46 2.58 20.21
CA HIS B 154 0.15 1.95 20.12
C HIS B 154 -0.73 2.40 21.27
N GLU B 155 -0.14 2.66 22.44
CA GLU B 155 -0.86 3.28 23.55
C GLU B 155 -1.36 4.67 23.19
N LEU B 156 -0.57 5.42 22.43
CA LEU B 156 -0.88 6.82 22.13
C LEU B 156 -1.69 7.00 20.86
N THR B 157 -1.60 6.08 19.90
CA THR B 157 -2.26 6.30 18.61
C THR B 157 -3.21 5.15 18.25
N THR B 158 -2.65 3.95 18.04
CA THR B 158 -3.45 2.82 17.58
C THR B 158 -4.67 2.58 18.46
N GLY B 159 -4.45 2.54 19.77
CA GLY B 159 -5.52 2.32 20.72
C GLY B 159 -6.58 3.40 20.72
N PRO B 160 -6.18 4.65 20.94
CA PRO B 160 -7.16 5.75 20.86
C PRO B 160 -7.87 5.84 19.54
N GLU B 161 -7.21 5.48 18.43
CA GLU B 161 -7.90 5.42 17.14
C GLU B 161 -9.08 4.47 17.20
N LEU B 162 -8.87 3.26 17.76
CA LEU B 162 -9.94 2.28 17.81
C LEU B 162 -11.08 2.74 18.73
N LEU B 163 -10.74 3.34 19.87
CA LEU B 163 -11.76 3.95 20.71
C LEU B 163 -12.54 5.00 19.93
N GLN B 164 -11.81 5.81 19.16
CA GLN B 164 -12.41 6.79 18.27
C GLN B 164 -13.32 6.13 17.24
N GLN B 165 -12.84 5.05 16.62
CA GLN B 165 -13.59 4.44 15.52
C GLN B 165 -14.81 3.66 16.01
N PHE B 166 -14.68 2.98 17.15
CA PHE B 166 -15.78 2.23 17.74
C PHE B 166 -16.45 3.01 18.86
N GLU B 167 -16.53 4.32 18.71
CA GLU B 167 -17.30 5.14 19.63
C GLU B 167 -18.78 4.76 19.56
N GLY B 168 -19.45 4.88 20.70
CA GLY B 168 -20.83 4.46 20.77
C GLY B 168 -21.04 2.96 20.79
N LYS B 169 -19.97 2.17 20.78
CA LYS B 169 -20.07 0.72 20.80
C LYS B 169 -19.03 0.17 21.78
N THR B 170 -19.18 -1.11 22.08
CA THR B 170 -18.27 -1.82 22.97
C THR B 170 -17.51 -2.87 22.17
N ILE B 171 -16.19 -2.87 22.31
CA ILE B 171 -15.35 -3.94 21.77
C ILE B 171 -15.33 -5.05 22.79
N ASP B 172 -15.91 -6.20 22.44
CA ASP B 172 -15.98 -7.32 23.37
C ASP B 172 -14.71 -8.16 23.35
N ALA B 173 -13.96 -8.15 22.26
CA ALA B 173 -12.70 -8.88 22.19
C ALA B 173 -11.77 -8.19 21.20
N PHE B 174 -10.52 -8.00 21.62
CA PHE B 174 -9.46 -7.54 20.74
C PHE B 174 -8.39 -8.62 20.67
N LEU B 175 -7.97 -8.95 19.45
CA LEU B 175 -6.96 -9.98 19.21
C LEU B 175 -5.87 -9.41 18.32
N ALA B 176 -4.63 -9.82 18.58
CA ALA B 176 -3.52 -9.35 17.77
C ALA B 176 -2.40 -10.38 17.82
N GLY B 177 -1.79 -10.64 16.66
CA GLY B 177 -0.62 -11.48 16.63
C GLY B 177 0.56 -10.77 17.29
N VAL B 178 1.38 -11.54 17.98
CA VAL B 178 2.50 -11.01 18.76
C VAL B 178 3.79 -11.24 17.99
N GLY B 179 4.43 -10.15 17.57
CA GLY B 179 5.79 -10.19 17.07
C GLY B 179 6.72 -9.61 18.11
N THR B 180 6.74 -8.28 18.21
CA THR B 180 7.34 -7.62 19.37
C THR B 180 6.37 -7.53 20.53
N GLY B 181 5.07 -7.74 20.27
CA GLY B 181 4.05 -7.57 21.28
C GLY B 181 3.62 -6.14 21.50
N GLY B 182 4.18 -5.18 20.77
CA GLY B 182 3.85 -3.79 21.01
C GLY B 182 2.39 -3.47 20.76
N THR B 183 1.84 -3.99 19.67
CA THR B 183 0.44 -3.70 19.33
C THR B 183 -0.50 -4.22 20.42
N LEU B 184 -0.39 -5.51 20.75
CA LEU B 184 -1.29 -6.09 21.75
C LEU B 184 -1.19 -5.38 23.08
N SER B 185 0.03 -5.01 23.49
CA SER B 185 0.23 -4.42 24.81
C SER B 185 -0.30 -2.98 24.85
N GLY B 186 0.04 -2.18 23.84
CA GLY B 186 -0.40 -0.79 23.84
C GLY B 186 -1.90 -0.68 23.64
N VAL B 187 -2.44 -1.39 22.65
CA VAL B 187 -3.88 -1.32 22.39
C VAL B 187 -4.65 -1.96 23.54
N GLY B 188 -4.20 -3.12 24.00
CA GLY B 188 -4.90 -3.80 25.08
C GLY B 188 -5.00 -2.95 26.34
N LYS B 189 -3.92 -2.22 26.66
CA LYS B 189 -3.95 -1.34 27.82
C LYS B 189 -5.02 -0.26 27.67
N VAL B 190 -5.11 0.34 26.47
CA VAL B 190 -6.08 1.40 26.25
C VAL B 190 -7.50 0.85 26.24
N LEU B 191 -7.71 -0.28 25.56
CA LEU B 191 -9.06 -0.83 25.44
C LEU B 191 -9.57 -1.35 26.79
N LYS B 192 -8.70 -2.01 27.57
CA LYS B 192 -9.14 -2.50 28.87
C LYS B 192 -9.53 -1.37 29.80
N LYS B 193 -8.87 -0.21 29.67
CA LYS B 193 -9.23 0.95 30.49
C LYS B 193 -10.62 1.47 30.12
N GLU B 194 -10.95 1.47 28.84
CA GLU B 194 -12.25 1.94 28.39
C GLU B 194 -13.32 0.86 28.45
N TYR B 195 -12.95 -0.39 28.18
CA TYR B 195 -13.86 -1.54 28.24
C TYR B 195 -13.29 -2.53 29.24
N PRO B 196 -13.64 -2.42 30.52
CA PRO B 196 -13.04 -3.29 31.53
C PRO B 196 -13.31 -4.77 31.31
N ASN B 197 -14.41 -5.12 30.64
CA ASN B 197 -14.75 -6.51 30.38
C ASN B 197 -14.28 -7.00 29.02
N ILE B 198 -13.40 -6.26 28.34
CA ILE B 198 -12.92 -6.70 27.03
C ILE B 198 -12.03 -7.93 27.21
N GLU B 199 -12.10 -8.83 26.23
CA GLU B 199 -11.25 -10.00 26.16
C GLU B 199 -10.07 -9.71 25.25
N ILE B 200 -8.87 -9.70 25.82
CA ILE B 200 -7.64 -9.48 25.07
C ILE B 200 -7.00 -10.83 24.79
N VAL B 201 -6.79 -11.15 23.52
CA VAL B 201 -6.30 -12.47 23.12
C VAL B 201 -5.01 -12.29 22.33
N ALA B 202 -3.97 -12.98 22.75
CA ALA B 202 -2.71 -13.04 22.02
C ALA B 202 -2.78 -14.13 20.98
N ILE B 203 -2.17 -13.88 19.82
CA ILE B 203 -2.09 -14.85 18.73
C ILE B 203 -0.62 -15.16 18.49
N GLU B 204 -0.29 -16.44 18.41
CA GLU B 204 1.07 -16.89 18.20
C GLU B 204 1.06 -18.15 17.35
N PRO B 205 2.19 -18.47 16.71
CA PRO B 205 2.20 -19.66 15.84
C PRO B 205 2.07 -20.94 16.64
N GLU B 206 1.27 -21.87 16.13
CA GLU B 206 1.19 -23.20 16.73
C GLU B 206 2.55 -23.90 16.68
N ALA B 207 3.34 -23.63 15.64
CA ALA B 207 4.63 -24.26 15.47
C ALA B 207 5.74 -23.62 16.31
N SER B 208 5.49 -22.46 16.90
CA SER B 208 6.45 -21.82 17.80
C SER B 208 5.68 -21.14 18.94
N PRO B 209 5.00 -21.93 19.78
CA PRO B 209 4.08 -21.36 20.79
C PRO B 209 4.80 -21.03 22.10
N VAL B 210 5.64 -20.00 22.05
CA VAL B 210 6.49 -19.67 23.18
C VAL B 210 5.67 -19.09 24.33
N LEU B 211 4.66 -18.27 24.02
CA LEU B 211 3.84 -17.67 25.06
C LEU B 211 3.06 -18.73 25.84
N SER B 212 2.71 -19.84 25.18
CA SER B 212 2.03 -20.94 25.85
C SER B 212 2.99 -21.85 26.60
N GLY B 213 4.27 -21.51 26.64
CA GLY B 213 5.25 -22.36 27.27
C GLY B 213 5.79 -23.47 26.39
N GLY B 214 5.52 -23.45 25.09
CA GLY B 214 6.00 -24.47 24.20
C GLY B 214 7.42 -24.23 23.76
N GLU B 215 7.93 -25.17 22.98
CA GLU B 215 9.29 -25.03 22.46
C GLU B 215 9.29 -24.14 21.21
N PRO B 216 10.26 -23.24 21.09
CA PRO B 216 10.40 -22.48 19.84
C PRO B 216 10.70 -23.43 18.68
N GLY B 217 10.40 -22.96 17.48
CA GLY B 217 10.59 -23.76 16.29
C GLY B 217 10.37 -22.97 15.02
N PRO B 218 10.69 -23.58 13.88
CA PRO B 218 10.51 -22.89 12.60
C PRO B 218 9.05 -22.79 12.23
N HIS B 219 8.64 -21.62 11.74
CA HIS B 219 7.27 -21.39 11.34
C HIS B 219 7.28 -20.44 10.14
N LYS B 220 6.10 -20.28 9.54
CA LYS B 220 5.96 -19.46 8.34
C LYS B 220 5.05 -18.26 8.54
N LEU B 221 4.72 -17.92 9.78
CA LEU B 221 3.84 -16.78 10.09
C LEU B 221 4.72 -15.53 10.22
N GLN B 222 5.07 -14.96 9.07
CA GLN B 222 6.01 -13.84 9.06
C GLN B 222 5.44 -12.66 9.84
N GLY B 223 6.30 -12.05 10.67
CA GLY B 223 5.91 -11.01 11.58
C GLY B 223 5.61 -11.51 12.99
N LEU B 224 5.34 -12.80 13.15
CA LEU B 224 5.03 -13.41 14.43
C LEU B 224 6.15 -14.36 14.86
N GLY B 225 6.00 -14.89 16.06
CA GLY B 225 6.85 -15.95 16.57
C GLY B 225 8.34 -15.64 16.61
N ALA B 226 8.74 -14.71 17.48
CA ALA B 226 10.15 -14.34 17.59
C ALA B 226 11.01 -15.46 18.17
N GLY B 227 10.40 -16.50 18.73
CA GLY B 227 11.15 -17.53 19.41
C GLY B 227 11.49 -17.22 20.86
N PHE B 228 11.15 -16.03 21.33
CA PHE B 228 11.38 -15.63 22.70
C PHE B 228 10.25 -14.69 23.11
N ILE B 229 10.21 -14.37 24.41
CA ILE B 229 9.22 -13.44 24.96
C ILE B 229 9.86 -12.05 24.99
N PRO B 230 9.47 -11.14 24.11
CA PRO B 230 10.12 -9.83 24.06
C PRO B 230 9.83 -9.00 25.30
N GLY B 231 10.75 -8.09 25.62
CA GLY B 231 10.52 -7.15 26.70
C GLY B 231 9.42 -6.16 26.43
N THR B 232 9.10 -5.92 25.16
CA THR B 232 8.02 -5.03 24.78
C THR B 232 6.64 -5.69 24.85
N LEU B 233 6.58 -6.96 25.24
CA LEU B 233 5.30 -7.63 25.44
C LEU B 233 4.92 -7.58 26.92
N ASN B 234 3.75 -7.05 27.21
CA ASN B 234 3.16 -7.15 28.54
C ASN B 234 2.49 -8.52 28.63
N THR B 235 3.16 -9.47 29.28
CA THR B 235 2.64 -10.84 29.30
C THR B 235 1.42 -11.00 30.21
N GLU B 236 0.92 -9.93 30.81
CA GLU B 236 -0.30 -10.00 31.60
C GLU B 236 -1.50 -9.34 30.92
N ILE B 237 -1.29 -8.66 29.80
CA ILE B 237 -2.38 -7.91 29.17
C ILE B 237 -3.42 -8.85 28.58
N TYR B 238 -3.02 -10.02 28.09
CA TYR B 238 -3.95 -10.89 27.40
C TYR B 238 -4.56 -11.90 28.36
N ASP B 239 -5.83 -12.22 28.12
CA ASP B 239 -6.57 -13.17 28.93
C ASP B 239 -6.51 -14.60 28.39
N SER B 240 -6.10 -14.76 27.13
CA SER B 240 -6.01 -16.08 26.53
C SER B 240 -5.07 -16.01 25.34
N ILE B 241 -4.70 -17.18 24.83
CA ILE B 241 -3.83 -17.32 23.68
C ILE B 241 -4.51 -18.21 22.65
N ILE B 242 -4.43 -17.83 21.38
CA ILE B 242 -4.89 -18.68 20.29
C ILE B 242 -3.70 -19.01 19.41
N LYS B 243 -3.40 -20.30 19.30
CA LYS B 243 -2.33 -20.78 18.43
C LYS B 243 -2.91 -21.08 17.06
N VAL B 244 -2.16 -20.71 16.02
CA VAL B 244 -2.61 -20.85 14.63
C VAL B 244 -1.51 -21.52 13.83
N GLY B 245 -1.89 -22.53 13.05
CA GLY B 245 -0.92 -23.23 12.22
C GLY B 245 -0.67 -22.53 10.90
N ASN B 246 0.41 -22.94 10.23
CA ASN B 246 0.81 -22.31 8.98
C ASN B 246 -0.25 -22.46 7.91
N ASP B 247 -0.80 -23.68 7.76
CA ASP B 247 -1.80 -23.92 6.74
C ASP B 247 -3.09 -23.13 7.03
N THR B 248 -3.52 -23.11 8.30
CA THR B 248 -4.72 -22.37 8.65
C THR B 248 -4.59 -20.89 8.32
N ALA B 249 -3.43 -20.31 8.66
CA ALA B 249 -3.22 -18.89 8.38
C ALA B 249 -3.19 -18.62 6.89
N MET B 250 -2.51 -19.46 6.13
CA MET B 250 -2.43 -19.25 4.68
C MET B 250 -3.81 -19.34 4.03
N GLU B 251 -4.57 -20.38 4.38
CA GLU B 251 -5.88 -20.58 3.76
C GLU B 251 -6.85 -19.46 4.13
N MET B 252 -6.77 -18.93 5.35
CA MET B 252 -7.65 -17.83 5.72
C MET B 252 -7.30 -16.57 4.95
N SER B 253 -5.99 -16.28 4.79
CA SER B 253 -5.58 -15.14 3.97
C SER B 253 -6.12 -15.26 2.55
N ARG B 254 -6.04 -16.46 1.96
CA ARG B 254 -6.57 -16.66 0.62
C ARG B 254 -8.07 -16.44 0.58
N ARG B 255 -8.80 -16.95 1.58
CA ARG B 255 -10.26 -16.79 1.61
C ARG B 255 -10.63 -15.32 1.73
N VAL B 256 -9.94 -14.57 2.59
CA VAL B 256 -10.30 -13.17 2.82
C VAL B 256 -10.06 -12.35 1.56
N ALA B 257 -9.01 -12.69 0.80
CA ALA B 257 -8.74 -11.99 -0.44
C ALA B 257 -9.82 -12.26 -1.48
N LYS B 258 -10.23 -13.51 -1.62
CA LYS B 258 -11.22 -13.87 -2.64
C LYS B 258 -12.61 -13.40 -2.26
N GLU B 259 -12.97 -13.49 -0.97
CA GLU B 259 -14.35 -13.29 -0.55
C GLU B 259 -14.62 -11.93 0.07
N GLU B 260 -13.58 -11.23 0.51
CA GLU B 260 -13.74 -9.87 1.04
C GLU B 260 -13.03 -8.84 0.19
N GLY B 261 -12.17 -9.25 -0.74
CA GLY B 261 -11.35 -8.29 -1.46
C GLY B 261 -10.26 -7.67 -0.62
N ILE B 262 -9.92 -8.28 0.51
CA ILE B 262 -8.91 -7.76 1.42
C ILE B 262 -7.68 -8.65 1.31
N LEU B 263 -6.62 -8.13 0.70
CA LEU B 263 -5.40 -8.88 0.46
C LEU B 263 -4.38 -8.50 1.53
N ALA B 264 -4.10 -9.42 2.45
CA ALA B 264 -3.24 -9.17 3.58
C ALA B 264 -2.23 -10.29 3.73
N GLY B 265 -1.25 -10.06 4.62
CA GLY B 265 -0.18 -11.02 4.83
C GLY B 265 -0.64 -12.23 5.61
N ILE B 266 0.28 -13.19 5.75
CA ILE B 266 -0.07 -14.45 6.40
C ILE B 266 -0.37 -14.23 7.88
N SER B 267 0.29 -13.26 8.52
CA SER B 267 -0.01 -13.00 9.92
C SER B 267 -1.40 -12.39 10.08
N SER B 268 -1.91 -11.71 9.04
CA SER B 268 -3.27 -11.23 9.06
C SER B 268 -4.27 -12.36 8.90
N GLY B 269 -3.92 -13.39 8.12
CA GLY B 269 -4.76 -14.56 8.04
C GLY B 269 -4.87 -15.28 9.37
N ALA B 270 -3.76 -15.35 10.11
CA ALA B 270 -3.80 -15.91 11.45
C ALA B 270 -4.70 -15.08 12.36
N ALA B 271 -4.57 -13.76 12.29
CA ALA B 271 -5.38 -12.88 13.13
C ALA B 271 -6.87 -13.00 12.80
N ILE B 272 -7.21 -13.05 11.51
CA ILE B 272 -8.61 -13.15 11.13
C ILE B 272 -9.18 -14.51 11.50
N TYR B 273 -8.39 -15.58 11.34
CA TYR B 273 -8.88 -16.89 11.75
C TYR B 273 -9.18 -16.93 13.24
N ALA B 274 -8.26 -16.41 14.05
CA ALA B 274 -8.47 -16.40 15.50
C ALA B 274 -9.65 -15.52 15.87
N ALA B 275 -9.81 -14.38 15.19
CA ALA B 275 -10.94 -13.50 15.47
C ALA B 275 -12.26 -14.15 15.09
N ILE B 276 -12.28 -14.97 14.05
CA ILE B 276 -13.51 -15.64 13.65
C ILE B 276 -13.87 -16.73 14.66
N GLN B 277 -12.87 -17.44 15.17
CA GLN B 277 -13.13 -18.43 16.23
C GLN B 277 -13.68 -17.75 17.47
N LYS B 278 -13.11 -16.60 17.86
CA LYS B 278 -13.64 -15.86 18.99
C LYS B 278 -15.04 -15.32 18.69
N ALA B 279 -15.31 -14.95 17.44
CA ALA B 279 -16.62 -14.43 17.08
C ALA B 279 -17.68 -15.53 17.13
N LYS B 280 -17.33 -16.73 16.66
CA LYS B 280 -18.26 -17.85 16.82
C LYS B 280 -18.51 -18.13 18.29
N GLU B 281 -17.46 -18.05 19.11
CA GLU B 281 -17.61 -18.28 20.55
C GLU B 281 -18.45 -17.20 21.22
N LEU B 282 -18.37 -15.96 20.75
CA LEU B 282 -19.11 -14.88 21.37
C LEU B 282 -20.54 -14.79 20.88
N GLY B 283 -20.82 -15.23 19.65
CA GLY B 283 -22.16 -15.23 19.12
C GLY B 283 -22.59 -13.85 18.62
N LYS B 284 -23.78 -13.84 18.01
CA LYS B 284 -24.30 -12.62 17.39
C LYS B 284 -24.48 -11.51 18.43
N GLY B 285 -24.38 -10.27 17.96
CA GLY B 285 -24.50 -9.11 18.80
C GLY B 285 -23.20 -8.60 19.38
N LYS B 286 -22.13 -9.38 19.31
CA LYS B 286 -20.85 -9.00 19.89
C LYS B 286 -19.96 -8.34 18.85
N THR B 287 -18.86 -7.78 19.33
CA THR B 287 -17.94 -7.03 18.47
C THR B 287 -16.52 -7.53 18.69
N VAL B 288 -15.92 -8.09 17.65
CA VAL B 288 -14.55 -8.57 17.66
C VAL B 288 -13.72 -7.69 16.74
N VAL B 289 -12.55 -7.28 17.20
CA VAL B 289 -11.65 -6.40 16.46
C VAL B 289 -10.26 -7.02 16.45
N THR B 290 -9.63 -7.06 15.29
CA THR B 290 -8.24 -7.47 15.18
C THR B 290 -7.51 -6.53 14.24
N VAL B 291 -6.23 -6.82 14.02
CA VAL B 291 -5.32 -5.95 13.28
C VAL B 291 -4.68 -6.75 12.15
N LEU B 292 -4.63 -6.16 10.97
CA LEU B 292 -3.94 -6.74 9.82
C LEU B 292 -2.63 -6.00 9.63
N PRO B 293 -1.48 -6.59 10.00
CA PRO B 293 -0.25 -5.80 10.06
C PRO B 293 0.41 -5.49 8.72
N SER B 294 0.16 -6.26 7.67
CA SER B 294 0.87 -6.05 6.41
C SER B 294 -0.01 -6.48 5.24
N ASN B 295 0.41 -6.07 4.05
CA ASN B 295 -0.34 -6.37 2.82
C ASN B 295 0.22 -7.62 2.16
N GLY B 296 -0.68 -8.35 1.48
CA GLY B 296 -0.31 -9.58 0.82
C GLY B 296 0.61 -9.38 -0.37
N GLU B 297 0.64 -8.16 -0.95
CA GLU B 297 1.48 -7.92 -2.11
C GLU B 297 2.96 -7.98 -1.76
N ARG B 298 3.31 -7.79 -0.49
CA ARG B 298 4.69 -7.93 -0.04
C ARG B 298 5.12 -9.39 0.08
N TYR B 299 4.23 -10.34 -0.19
CA TYR B 299 4.54 -11.75 -0.01
C TYR B 299 4.13 -12.57 -1.23
N LEU B 300 4.24 -11.97 -2.42
CA LEU B 300 3.88 -12.67 -3.65
C LEU B 300 4.89 -13.76 -4.02
N SER B 301 6.13 -13.64 -3.56
CA SER B 301 7.15 -14.65 -3.78
C SER B 301 7.10 -15.76 -2.74
N THR B 302 6.21 -15.67 -1.76
CA THR B 302 6.02 -16.66 -0.72
C THR B 302 4.91 -17.62 -1.10
N PRO B 303 4.88 -18.82 -0.51
CA PRO B 303 3.79 -19.76 -0.80
C PRO B 303 2.41 -19.26 -0.41
N LEU B 304 2.32 -18.14 0.32
CA LEU B 304 1.02 -17.59 0.72
C LEU B 304 0.10 -17.40 -0.48
N TYR B 305 0.65 -16.93 -1.60
CA TYR B 305 -0.11 -16.75 -2.82
C TYR B 305 0.53 -17.43 -4.01
N SER B 306 1.52 -18.30 -3.78
CA SER B 306 2.17 -19.03 -4.86
C SER B 306 1.56 -20.42 -5.04
N MET C 2 14.69 -18.57 12.87
CA MET C 2 14.51 -17.45 11.96
C MET C 2 13.14 -16.82 12.11
N PHE C 3 13.12 -15.49 12.24
CA PHE C 3 11.87 -14.73 12.26
C PHE C 3 12.01 -13.50 11.39
N TYR C 4 10.88 -13.02 10.89
CA TYR C 4 10.82 -11.88 9.97
C TYR C 4 10.03 -10.77 10.65
N ILE C 5 10.71 -10.01 11.51
CA ILE C 5 10.03 -8.96 12.26
C ILE C 5 10.74 -7.62 12.10
N MET D 2 2.82 -2.92 -26.76
CA MET D 2 2.67 -3.46 -25.42
C MET D 2 2.74 -2.35 -24.37
N PHE D 3 1.66 -2.22 -23.59
CA PHE D 3 1.58 -1.24 -22.52
C PHE D 3 0.99 -1.90 -21.29
N TYR D 4 1.12 -1.22 -20.16
CA TYR D 4 0.71 -1.76 -18.85
C TYR D 4 -0.21 -0.75 -18.17
N ILE D 5 -1.48 -0.75 -18.57
CA ILE D 5 -2.47 0.12 -17.96
C ILE D 5 -3.60 -0.74 -17.40
#